data_5R1Z
#
_entry.id   5R1Z
#
_cell.length_a   45.170
_cell.length_b   73.270
_cell.length_c   52.542
_cell.angle_alpha   90.000
_cell.angle_beta   109.230
_cell.angle_gamma   90.000
#
_symmetry.space_group_name_H-M   'P 1 21 1'
#
loop_
_entity.id
_entity.type
_entity.pdbx_description
1 polymer Endothiapepsin
2 non-polymer '3-(1,3-thiazol-2-yl)propanoic acid'
3 water water
#
_entity_poly.entity_id   1
_entity_poly.type   'polypeptide(L)'
_entity_poly.pdbx_seq_one_letter_code
;MSSPLKNALVTAMLAGGALSSPTKQHVGIPVNASPEVGPGKYSFKQVRNPNYKFNGPLSVKKTYLKYGVPIPAWLEDAVQ
NSTSGLAERSTGSATTTPIDSLDDAYITPVQIGTPAQTLNLDFDTGSSDLWVFSSETTASEVDGQTIYTPSKSTTAKLLS
GATWSISYGDGSSSSGDVYTDTVSVGGLTVTGQAVESAKKVSSSFTEDSTIDGLLGLAFSTLNTVSPTQQKTFFDNAKAS
LDSPVFTADLGYHAPGTYNFGFIDTTAYTGSITYTAVSTKQGFWEWTSTGYAVGSGTFKSTSIDGIADTGTTLLYLPATV
VSAYWAQVSGAKSSSSVGGYVFPCSATLPSFTFGVGSARIVIPGDYIDFGPISTGSSSCFGGIQSSAGIGINIFGDVALK
AAFVVFNGATTPTLGFASK
;
_entity_poly.pdbx_strand_id   A
#
loop_
_chem_comp.id
_chem_comp.type
_chem_comp.name
_chem_comp.formula
R9M non-polymer '3-(1,3-thiazol-2-yl)propanoic acid' 'C6 H7 N O2 S'
#
# COMPACT_ATOMS: atom_id res chain seq x y z
N SER A 90 4.42 5.47 23.26
CA SER A 90 3.06 5.65 22.69
C SER A 90 2.76 4.58 21.67
N THR A 91 1.48 4.47 21.32
CA THR A 91 1.01 3.59 20.26
C THR A 91 -0.16 4.26 19.56
N GLY A 92 -0.50 3.71 18.40
CA GLY A 92 -1.73 4.07 17.73
C GLY A 92 -2.33 2.84 17.06
N SER A 93 -3.63 2.90 16.83
CA SER A 93 -4.33 1.78 16.19
C SER A 93 -5.52 2.34 15.44
N ALA A 94 -5.60 2.07 14.14
CA ALA A 94 -6.65 2.62 13.31
C ALA A 94 -7.17 1.53 12.39
N THR A 95 -8.48 1.52 12.19
CA THR A 95 -9.09 0.61 11.24
C THR A 95 -8.93 1.14 9.84
N THR A 96 -8.63 0.23 8.90
CA THR A 96 -8.51 0.55 7.49
C THR A 96 -9.60 -0.22 6.74
N THR A 97 -10.26 0.45 5.80
CA THR A 97 -11.51 -0.06 5.21
C THR A 97 -11.37 -0.07 3.69
N PRO A 98 -11.75 -1.16 3.01
CA PRO A 98 -11.70 -1.15 1.54
CA PRO A 98 -11.69 -1.15 1.55
C PRO A 98 -12.59 -0.07 0.96
N ILE A 99 -12.12 0.55 -0.12
CA ILE A 99 -12.89 1.62 -0.75
C ILE A 99 -14.03 1.08 -1.60
N ASP A 100 -14.00 -0.18 -1.97
CA ASP A 100 -15.01 -0.74 -2.86
C ASP A 100 -15.03 -2.25 -2.67
N SER A 101 -15.90 -2.92 -3.44
CA SER A 101 -16.13 -4.35 -3.26
C SER A 101 -15.00 -5.22 -3.78
N LEU A 102 -14.01 -4.63 -4.44
CA LEU A 102 -12.87 -5.37 -4.99
C LEU A 102 -11.63 -5.22 -4.14
N ASP A 103 -11.68 -4.45 -3.05
CA ASP A 103 -10.48 -4.13 -2.30
C ASP A 103 -9.44 -3.40 -3.16
N ASP A 104 -9.89 -2.45 -3.99
CA ASP A 104 -8.95 -1.76 -4.86
C ASP A 104 -7.94 -0.94 -4.07
N ALA A 105 -8.35 -0.43 -2.91
CA ALA A 105 -7.47 0.31 -2.02
C ALA A 105 -8.17 0.31 -0.68
N TYR A 106 -7.46 0.79 0.32
CA TYR A 106 -7.95 0.87 1.68
C TYR A 106 -7.76 2.29 2.19
N ILE A 107 -8.75 2.78 2.93
CA ILE A 107 -8.68 4.12 3.51
C ILE A 107 -8.71 4.04 5.03
N THR A 108 -7.95 4.93 5.64
CA THR A 108 -7.80 5.00 7.08
C THR A 108 -8.04 6.44 7.51
N PRO A 109 -8.87 6.67 8.53
CA PRO A 109 -9.12 8.04 8.96
C PRO A 109 -7.91 8.63 9.66
N VAL A 110 -7.61 9.90 9.35
CA VAL A 110 -6.47 10.61 9.88
C VAL A 110 -6.95 11.99 10.32
N GLN A 111 -6.61 12.37 11.55
CA GLN A 111 -6.96 13.69 12.06
C GLN A 111 -5.83 14.67 11.78
N ILE A 112 -6.17 15.77 11.12
CA ILE A 112 -5.19 16.80 10.77
C ILE A 112 -5.66 18.13 11.32
N GLY A 113 -4.77 18.82 12.05
CA GLY A 113 -5.06 20.18 12.47
C GLY A 113 -5.83 20.30 13.77
N THR A 114 -6.09 21.56 14.13
CA THR A 114 -6.79 21.90 15.36
C THR A 114 -7.82 22.98 15.05
N PRO A 115 -9.12 22.75 15.29
CA PRO A 115 -9.71 21.44 15.63
C PRO A 115 -9.44 20.43 14.53
N ALA A 116 -9.56 19.15 14.88
CA ALA A 116 -9.25 18.09 13.92
C ALA A 116 -10.12 18.20 12.67
N GLN A 117 -9.48 18.00 11.53
CA GLN A 117 -10.15 17.73 10.26
C GLN A 117 -9.81 16.29 9.90
N THR A 118 -10.82 15.45 9.81
CA THR A 118 -10.61 14.03 9.55
C THR A 118 -10.72 13.78 8.06
N LEU A 119 -9.63 13.29 7.48
CA LEU A 119 -9.57 12.88 6.09
C LEU A 119 -9.26 11.39 6.03
N ASN A 120 -9.77 10.74 4.98
CA ASN A 120 -9.56 9.31 4.80
C ASN A 120 -8.44 9.13 3.80
N LEU A 121 -7.30 8.67 4.30
CA LEU A 121 -6.08 8.60 3.50
C LEU A 121 -5.76 7.15 3.14
N ASP A 122 -5.06 7.01 2.02
CA ASP A 122 -4.57 5.73 1.53
C ASP A 122 -3.14 5.58 2.07
N PHE A 123 -2.96 4.68 3.05
CA PHE A 123 -1.65 4.44 3.64
C PHE A 123 -0.83 3.64 2.65
N ASP A 124 0.34 4.17 2.27
CA ASP A 124 1.09 3.65 1.13
C ASP A 124 2.52 3.35 1.52
N THR A 125 2.85 2.08 1.77
CA THR A 125 4.21 1.74 2.12
C THR A 125 5.16 1.80 0.93
N GLY A 126 4.68 2.15 -0.25
CA GLY A 126 5.51 2.38 -1.41
C GLY A 126 5.80 3.83 -1.76
N SER A 127 5.43 4.77 -0.91
CA SER A 127 5.80 6.17 -1.15
C SER A 127 5.97 6.85 0.20
N SER A 128 6.38 8.12 0.16
CA SER A 128 6.85 8.78 1.38
C SER A 128 6.35 10.20 1.54
N ASP A 129 5.24 10.54 0.90
CA ASP A 129 4.62 11.85 1.03
C ASP A 129 3.25 11.68 1.69
N LEU A 130 2.94 12.58 2.60
CA LEU A 130 1.60 12.68 3.17
C LEU A 130 1.00 13.89 2.48
N TRP A 131 0.09 13.64 1.54
CA TRP A 131 -0.51 14.72 0.77
C TRP A 131 -2.01 14.58 0.82
N VAL A 132 -2.67 15.73 0.73
CA VAL A 132 -4.12 15.78 0.91
C VAL A 132 -4.76 16.69 -0.12
N PHE A 133 -5.98 16.33 -0.50
CA PHE A 133 -6.88 17.28 -1.14
C PHE A 133 -7.09 18.44 -0.17
N SER A 134 -7.22 19.65 -0.69
CA SER A 134 -7.20 20.81 0.19
C SER A 134 -8.04 21.94 -0.38
N SER A 135 -8.18 22.99 0.43
CA SER A 135 -8.82 24.21 -0.03
C SER A 135 -8.04 24.88 -1.15
N GLU A 136 -6.79 24.45 -1.40
CA GLU A 136 -5.95 24.96 -2.46
C GLU A 136 -6.05 24.16 -3.74
N THR A 137 -6.70 23.00 -3.71
CA THR A 137 -6.78 22.16 -4.89
C THR A 137 -7.69 22.81 -5.93
N THR A 138 -7.21 22.88 -7.16
CA THR A 138 -7.99 23.38 -8.29
C THR A 138 -9.41 22.83 -8.22
N ALA A 139 -10.40 23.73 -8.24
CA ALA A 139 -11.76 23.33 -7.91
C ALA A 139 -12.28 22.24 -8.85
N SER A 140 -11.96 22.34 -10.14
CA SER A 140 -12.42 21.36 -11.10
C SER A 140 -11.84 19.97 -10.88
N GLU A 141 -10.81 19.86 -10.05
CA GLU A 141 -10.13 18.59 -9.79
C GLU A 141 -10.59 17.96 -8.47
N VAL A 142 -11.55 18.58 -7.79
CA VAL A 142 -12.15 18.03 -6.58
C VAL A 142 -13.55 17.58 -6.94
N ASP A 143 -13.87 16.31 -6.65
CA ASP A 143 -15.16 15.71 -6.96
C ASP A 143 -15.56 14.77 -5.82
N GLY A 144 -15.95 15.34 -4.68
CA GLY A 144 -16.50 14.59 -3.57
C GLY A 144 -15.53 14.30 -2.44
N GLN A 145 -14.24 14.58 -2.63
CA GLN A 145 -13.28 14.33 -1.55
C GLN A 145 -13.50 15.31 -0.41
N THR A 146 -13.11 14.90 0.79
CA THR A 146 -13.00 15.82 1.91
C THR A 146 -11.67 16.52 1.82
N ILE A 147 -11.69 17.83 2.06
CA ILE A 147 -10.50 18.66 1.88
C ILE A 147 -9.99 19.13 3.25
N TYR A 148 -8.67 19.31 3.30
CA TYR A 148 -8.01 19.99 4.40
C TYR A 148 -7.96 21.48 4.11
N THR A 149 -8.37 22.28 5.08
CA THR A 149 -8.36 23.74 4.96
C THR A 149 -7.39 24.28 6.00
N PRO A 150 -6.13 24.56 5.65
CA PRO A 150 -5.18 24.96 6.70
C PRO A 150 -5.56 26.25 7.39
N SER A 151 -6.26 27.16 6.71
CA SER A 151 -6.64 28.42 7.34
C SER A 151 -7.60 28.22 8.51
N LYS A 152 -8.24 27.06 8.62
CA LYS A 152 -9.13 26.74 9.72
C LYS A 152 -8.45 25.98 10.84
N SER A 153 -7.16 25.70 10.71
CA SER A 153 -6.39 24.99 11.73
C SER A 153 -5.50 25.98 12.45
N THR A 154 -5.64 26.06 13.77
CA THR A 154 -4.84 27.01 14.52
C THR A 154 -3.39 26.56 14.66
N THR A 155 -3.09 25.30 14.36
CA THR A 155 -1.74 24.77 14.47
C THR A 155 -1.05 24.65 13.11
N ALA A 156 -1.73 25.00 12.02
CA ALA A 156 -1.11 24.94 10.70
C ALA A 156 -0.14 26.10 10.52
N LYS A 157 0.99 25.81 9.89
CA LYS A 157 1.96 26.84 9.53
CA LYS A 157 1.97 26.83 9.54
C LYS A 157 2.49 26.53 8.13
N LEU A 158 2.48 27.52 7.25
CA LEU A 158 3.05 27.32 5.93
C LEU A 158 4.53 27.02 6.08
N LEU A 159 5.00 26.00 5.38
CA LEU A 159 6.43 25.69 5.32
C LEU A 159 6.96 26.51 4.15
N SER A 160 7.54 27.65 4.48
CA SER A 160 7.84 28.68 3.48
CA SER A 160 7.84 28.68 3.48
C SER A 160 8.79 28.16 2.41
N GLY A 161 8.39 28.34 1.15
CA GLY A 161 9.22 27.99 0.03
C GLY A 161 9.12 26.54 -0.40
N ALA A 162 8.44 25.70 0.36
CA ALA A 162 8.44 24.27 0.11
C ALA A 162 7.37 23.90 -0.90
N THR A 163 7.75 23.07 -1.86
CA THR A 163 6.81 22.54 -2.84
C THR A 163 7.04 21.05 -2.96
N TRP A 164 6.09 20.37 -3.57
CA TRP A 164 6.18 18.93 -3.75
C TRP A 164 5.53 18.56 -5.07
N SER A 165 5.97 17.44 -5.62
CA SER A 165 5.43 16.94 -6.88
C SER A 165 5.78 15.47 -6.96
N ILE A 166 4.79 14.63 -7.17
CA ILE A 166 5.01 13.20 -7.14
C ILE A 166 4.32 12.55 -8.33
N SER A 167 4.96 11.50 -8.86
CA SER A 167 4.39 10.67 -9.89
C SER A 167 4.48 9.23 -9.44
N TYR A 168 3.37 8.52 -9.51
CA TYR A 168 3.29 7.16 -9.01
C TYR A 168 3.46 6.16 -10.14
N GLY A 169 3.70 4.90 -9.74
CA GLY A 169 3.97 3.85 -10.71
C GLY A 169 2.85 3.65 -11.71
N ASP A 170 1.62 4.01 -11.33
CA ASP A 170 0.46 3.84 -12.21
C ASP A 170 0.25 5.03 -13.14
N GLY A 171 1.15 6.01 -13.14
CA GLY A 171 1.02 7.17 -14.00
C GLY A 171 0.26 8.33 -13.40
N SER A 172 -0.30 8.19 -12.21
CA SER A 172 -0.99 9.30 -11.58
C SER A 172 0.04 10.25 -10.94
N SER A 173 -0.44 11.42 -10.55
CA SER A 173 0.47 12.45 -10.03
C SER A 173 -0.32 13.51 -9.28
N SER A 174 0.42 14.30 -8.50
CA SER A 174 -0.14 15.42 -7.75
C SER A 174 1.02 16.32 -7.34
N SER A 175 0.68 17.56 -6.98
CA SER A 175 1.71 18.53 -6.60
C SER A 175 1.08 19.68 -5.83
N GLY A 176 1.91 20.42 -5.11
CA GLY A 176 1.41 21.57 -4.38
C GLY A 176 2.44 22.15 -3.44
N ASP A 177 1.94 22.75 -2.37
CA ASP A 177 2.78 23.40 -1.35
C ASP A 177 2.63 22.63 -0.04
N VAL A 178 3.20 23.16 1.04
CA VAL A 178 3.40 22.35 2.23
C VAL A 178 3.09 23.17 3.47
N TYR A 179 2.36 22.56 4.40
CA TYR A 179 2.15 23.09 5.73
C TYR A 179 2.74 22.11 6.73
N THR A 180 3.06 22.59 7.91
CA THR A 180 3.22 21.68 9.04
C THR A 180 1.99 21.80 9.93
N ASP A 181 1.59 20.67 10.51
CA ASP A 181 0.42 20.66 11.37
C ASP A 181 0.48 19.41 12.23
N THR A 182 -0.45 19.34 13.18
CA THR A 182 -0.58 18.18 14.04
C THR A 182 -1.38 17.12 13.31
N VAL A 183 -0.87 15.90 13.30
CA VAL A 183 -1.49 14.78 12.61
C VAL A 183 -1.60 13.62 13.58
N SER A 184 -2.78 13.06 13.70
CA SER A 184 -3.02 11.92 14.57
C SER A 184 -3.61 10.76 13.80
N VAL A 185 -3.10 9.57 14.09
CA VAL A 185 -3.60 8.33 13.51
C VAL A 185 -3.91 7.38 14.64
N GLY A 186 -5.18 7.02 14.80
CA GLY A 186 -5.54 6.01 15.77
C GLY A 186 -5.08 6.34 17.18
N GLY A 187 -5.06 7.61 17.56
CA GLY A 187 -4.63 8.01 18.89
C GLY A 187 -3.17 8.36 19.02
N LEU A 188 -2.35 8.14 17.99
CA LEU A 188 -0.95 8.51 17.98
C LEU A 188 -0.79 9.86 17.31
N THR A 189 -0.21 10.83 18.02
CA THR A 189 -0.13 12.21 17.54
C THR A 189 1.32 12.60 17.24
N VAL A 190 1.53 13.21 16.08
CA VAL A 190 2.78 13.83 15.69
C VAL A 190 2.54 15.32 15.52
N THR A 191 3.33 16.14 16.19
CA THR A 191 3.30 17.58 15.93
C THR A 191 4.35 17.94 14.88
N GLY A 192 4.07 19.00 14.13
CA GLY A 192 5.00 19.44 13.13
C GLY A 192 5.14 18.51 11.94
N GLN A 193 4.14 17.69 11.66
CA GLN A 193 4.18 16.82 10.48
C GLN A 193 3.99 17.65 9.22
N ALA A 194 4.81 17.36 8.20
CA ALA A 194 4.61 17.98 6.89
C ALA A 194 3.35 17.42 6.25
N VAL A 195 2.41 18.29 5.97
CA VAL A 195 1.15 17.97 5.32
C VAL A 195 1.22 18.66 3.97
N GLU A 196 1.31 17.87 2.91
CA GLU A 196 1.51 18.41 1.57
C GLU A 196 0.15 18.67 0.95
N SER A 197 -0.13 19.94 0.72
CA SER A 197 -1.44 20.38 0.24
C SER A 197 -1.45 20.38 -1.28
N ALA A 198 -2.35 19.62 -1.88
CA ALA A 198 -2.41 19.55 -3.34
C ALA A 198 -2.99 20.82 -3.94
N LYS A 199 -2.26 21.38 -4.88
CA LYS A 199 -2.82 22.37 -5.79
C LYS A 199 -3.35 21.73 -7.06
N LYS A 200 -2.74 20.63 -7.49
CA LYS A 200 -3.13 19.90 -8.68
C LYS A 200 -3.11 18.42 -8.37
N VAL A 201 -4.07 17.68 -8.91
CA VAL A 201 -4.07 16.22 -8.85
C VAL A 201 -4.46 15.70 -10.23
N SER A 202 -3.96 14.51 -10.57
CA SER A 202 -4.32 13.93 -11.85
C SER A 202 -5.72 13.33 -11.80
N SER A 203 -6.24 13.02 -12.99
CA SER A 203 -7.64 12.64 -13.14
C SER A 203 -8.01 11.43 -12.29
N SER A 204 -7.10 10.47 -12.15
CA SER A 204 -7.46 9.27 -11.40
C SER A 204 -7.76 9.60 -9.95
N PHE A 205 -7.07 10.59 -9.38
CA PHE A 205 -7.39 11.02 -8.03
C PHE A 205 -8.73 11.73 -7.97
N THR A 206 -8.97 12.66 -8.90
CA THR A 206 -10.25 13.36 -8.92
C THR A 206 -11.40 12.37 -9.01
N GLU A 207 -11.25 11.34 -9.85
CA GLU A 207 -12.32 10.41 -10.13
C GLU A 207 -12.61 9.47 -8.97
N ASP A 208 -11.74 9.39 -7.98
CA ASP A 208 -11.93 8.52 -6.84
C ASP A 208 -12.33 9.38 -5.64
N SER A 209 -13.63 9.49 -5.41
CA SER A 209 -14.14 10.36 -4.36
C SER A 209 -13.85 9.84 -2.97
N THR A 210 -13.43 8.58 -2.83
CA THR A 210 -13.27 7.95 -1.52
C THR A 210 -11.91 8.18 -0.90
N ILE A 211 -10.92 8.63 -1.67
CA ILE A 211 -9.56 8.81 -1.20
C ILE A 211 -9.25 10.30 -1.14
N ASP A 212 -9.00 10.79 0.07
CA ASP A 212 -8.75 12.20 0.33
C ASP A 212 -7.27 12.56 0.29
N GLY A 213 -6.40 11.59 0.05
CA GLY A 213 -4.97 11.82 0.00
C GLY A 213 -4.25 10.53 0.34
N LEU A 214 -2.93 10.63 0.43
CA LEU A 214 -2.06 9.51 0.72
C LEU A 214 -1.25 9.80 1.96
N LEU A 215 -0.94 8.75 2.70
CA LEU A 215 0.00 8.84 3.82
C LEU A 215 1.12 7.84 3.55
N GLY A 216 2.29 8.37 3.17
CA GLY A 216 3.38 7.51 2.77
C GLY A 216 4.11 6.91 3.97
N LEU A 217 4.47 5.63 3.82
CA LEU A 217 5.12 4.87 4.87
C LEU A 217 6.38 4.16 4.39
N ALA A 218 6.89 4.52 3.22
CA ALA A 218 8.22 4.08 2.78
C ALA A 218 9.25 4.96 3.47
N PHE A 219 10.51 4.85 3.05
CA PHE A 219 11.57 5.57 3.75
C PHE A 219 11.61 7.02 3.34
N SER A 220 11.99 7.89 4.29
CA SER A 220 11.88 9.33 4.05
C SER A 220 12.78 9.82 2.92
N THR A 221 13.77 9.02 2.51
CA THR A 221 14.61 9.38 1.39
C THR A 221 13.83 9.55 0.09
N LEU A 222 12.62 9.00 -0.01
CA LEU A 222 11.78 9.17 -1.19
C LEU A 222 10.87 10.39 -1.13
N ASN A 223 10.83 11.11 -0.01
CA ASN A 223 9.91 12.22 0.10
C ASN A 223 10.27 13.29 -0.93
N THR A 224 9.25 13.86 -1.58
CA THR A 224 9.49 14.75 -2.71
C THR A 224 9.56 16.23 -2.34
N VAL A 225 9.42 16.60 -1.08
CA VAL A 225 9.40 18.03 -0.76
C VAL A 225 10.74 18.65 -1.07
N SER A 226 10.70 19.81 -1.71
CA SER A 226 11.86 20.58 -2.10
C SER A 226 11.69 22.01 -1.58
N PRO A 227 12.77 22.67 -1.13
CA PRO A 227 14.16 22.24 -1.17
C PRO A 227 14.62 21.44 0.05
N THR A 228 13.74 21.26 1.03
CA THR A 228 14.07 20.56 2.26
C THR A 228 13.18 19.33 2.36
N GLN A 229 13.75 18.16 2.14
CA GLN A 229 13.01 16.91 2.22
C GLN A 229 12.41 16.77 3.62
N GLN A 230 11.20 16.22 3.69
CA GLN A 230 10.46 16.07 4.94
C GLN A 230 10.35 14.60 5.33
N LYS A 231 10.10 14.37 6.62
CA LYS A 231 9.98 13.03 7.16
C LYS A 231 8.56 12.49 7.08
N THR A 232 8.45 11.18 6.96
CA THR A 232 7.13 10.55 7.01
C THR A 232 6.56 10.62 8.43
N PHE A 233 5.26 10.37 8.50
CA PHE A 233 4.57 10.27 9.79
C PHE A 233 5.24 9.24 10.69
N PHE A 234 5.59 8.08 10.14
CA PHE A 234 6.23 7.04 10.95
C PHE A 234 7.60 7.49 11.42
N ASP A 235 8.39 8.10 10.55
CA ASP A 235 9.70 8.58 10.96
C ASP A 235 9.59 9.59 12.09
N ASN A 236 8.62 10.50 11.99
CA ASN A 236 8.43 11.49 13.05
C ASN A 236 7.96 10.84 14.35
N ALA A 237 7.14 9.81 14.26
CA ALA A 237 6.60 9.19 15.47
C ALA A 237 7.54 8.20 16.13
N LYS A 238 8.53 7.67 15.40
N LYS A 238 8.53 7.71 15.37
CA LYS A 238 9.15 6.41 15.83
CA LYS A 238 9.26 6.50 15.74
C LYS A 238 9.90 6.53 17.16
C LYS A 238 9.83 6.59 17.15
N ALA A 239 10.50 7.69 17.47
CA ALA A 239 11.20 7.81 18.74
C ALA A 239 10.24 7.74 19.92
N SER A 240 8.99 8.16 19.72
CA SER A 240 8.00 8.16 20.78
C SER A 240 7.31 6.82 20.93
N LEU A 241 7.39 5.95 19.93
CA LEU A 241 6.67 4.70 19.95
C LEU A 241 7.26 3.73 20.94
N ASP A 242 6.41 2.88 21.51
CA ASP A 242 6.91 1.84 22.42
C ASP A 242 7.94 0.97 21.74
N SER A 243 7.73 0.65 20.47
CA SER A 243 8.65 -0.12 19.66
CA SER A 243 8.66 -0.11 19.65
C SER A 243 8.61 0.53 18.27
N PRO A 244 9.74 0.60 17.56
CA PRO A 244 9.78 1.37 16.29
C PRO A 244 9.26 0.56 15.11
N VAL A 245 7.97 0.23 15.16
CA VAL A 245 7.35 -0.67 14.20
C VAL A 245 5.95 -0.15 13.87
N PHE A 246 5.47 -0.56 12.71
CA PHE A 246 4.05 -0.49 12.41
C PHE A 246 3.67 -1.80 11.74
N THR A 247 2.38 -2.14 11.79
CA THR A 247 1.91 -3.37 11.22
C THR A 247 0.71 -3.10 10.33
N ALA A 248 0.62 -3.89 9.26
CA ALA A 248 -0.49 -3.83 8.32
C ALA A 248 -1.22 -5.16 8.37
N ASP A 249 -2.51 -5.09 8.64
CA ASP A 249 -3.38 -6.26 8.71
C ASP A 249 -4.59 -5.94 7.83
N LEU A 250 -4.42 -6.10 6.53
CA LEU A 250 -5.46 -5.73 5.58
C LEU A 250 -6.47 -6.85 5.46
N GLY A 251 -7.74 -6.50 5.35
CA GLY A 251 -8.79 -7.48 5.24
C GLY A 251 -9.11 -7.84 3.81
N TYR A 252 -9.61 -9.06 3.64
CA TYR A 252 -10.19 -9.50 2.37
C TYR A 252 -11.67 -9.17 2.42
N HIS A 253 -12.09 -8.21 1.61
CA HIS A 253 -13.48 -7.81 1.55
C HIS A 253 -14.00 -7.46 2.94
N ALA A 254 -13.13 -6.85 3.74
CA ALA A 254 -13.47 -6.55 5.13
C ALA A 254 -12.49 -5.52 5.65
N PRO A 255 -12.85 -4.78 6.69
CA PRO A 255 -11.88 -3.87 7.32
C PRO A 255 -10.73 -4.64 7.96
N GLY A 256 -9.65 -3.91 8.17
CA GLY A 256 -8.44 -4.41 8.80
C GLY A 256 -7.88 -3.32 9.69
N THR A 257 -6.58 -3.41 10.01
CA THR A 257 -5.99 -2.55 11.04
C THR A 257 -4.57 -2.17 10.66
N TYR A 258 -4.22 -0.89 10.90
CA TYR A 258 -2.84 -0.43 10.96
C TYR A 258 -2.54 -0.10 12.42
N ASN A 259 -1.51 -0.73 12.97
CA ASN A 259 -1.05 -0.43 14.31
C ASN A 259 0.33 0.21 14.26
N PHE A 260 0.58 1.12 15.19
CA PHE A 260 1.87 1.79 15.32
C PHE A 260 2.40 1.56 16.72
N GLY A 261 3.62 1.06 16.82
CA GLY A 261 4.33 1.01 18.08
C GLY A 261 4.20 -0.29 18.84
N PHE A 262 3.44 -1.26 18.35
CA PHE A 262 3.27 -2.53 19.04
C PHE A 262 2.82 -3.59 18.06
N ILE A 263 3.06 -4.84 18.43
N ILE A 263 3.15 -4.83 18.43
CA ILE A 263 2.69 -6.00 17.62
CA ILE A 263 2.70 -6.03 17.75
C ILE A 263 1.59 -6.74 18.38
C ILE A 263 1.49 -6.56 18.52
N ASP A 264 0.38 -6.73 17.82
CA ASP A 264 -0.80 -7.37 18.42
C ASP A 264 -0.65 -8.87 18.23
N THR A 265 -0.24 -9.55 19.30
CA THR A 265 0.01 -10.98 19.19
C THR A 265 -1.27 -11.80 19.04
N THR A 266 -2.45 -11.18 19.15
CA THR A 266 -3.71 -11.89 18.92
C THR A 266 -4.17 -11.80 17.46
N ALA A 267 -3.44 -11.08 16.62
CA ALA A 267 -3.91 -10.77 15.27
C ALA A 267 -3.38 -11.73 14.22
N TYR A 268 -2.60 -12.74 14.61
CA TYR A 268 -2.03 -13.65 13.63
C TYR A 268 -1.95 -15.03 14.28
N THR A 269 -1.75 -16.03 13.43
CA THR A 269 -1.56 -17.40 13.87
C THR A 269 -0.09 -17.77 13.71
N GLY A 270 0.33 -18.78 14.47
CA GLY A 270 1.70 -19.24 14.35
C GLY A 270 2.68 -18.15 14.76
N SER A 271 3.84 -18.14 14.09
N SER A 271 3.84 -18.14 14.09
CA SER A 271 4.90 -17.20 14.39
CA SER A 271 4.91 -17.21 14.38
C SER A 271 5.09 -16.23 13.23
C SER A 271 5.11 -16.24 13.23
N ILE A 272 5.77 -15.12 13.54
CA ILE A 272 6.13 -14.13 12.53
C ILE A 272 7.53 -14.49 12.05
N THR A 273 7.70 -14.62 10.75
CA THR A 273 9.00 -14.84 10.16
C THR A 273 9.54 -13.51 9.64
N TYR A 274 10.68 -13.11 10.15
CA TYR A 274 11.32 -11.87 9.75
C TYR A 274 12.34 -12.14 8.66
N THR A 275 12.50 -11.14 7.78
CA THR A 275 13.36 -11.24 6.62
C THR A 275 14.03 -9.88 6.39
N ALA A 276 15.21 -9.92 5.78
CA ALA A 276 16.01 -8.71 5.65
C ALA A 276 15.40 -7.73 4.64
N VAL A 277 15.65 -6.45 4.87
CA VAL A 277 15.17 -5.36 4.03
C VAL A 277 16.37 -4.60 3.48
N SER A 278 16.31 -4.24 2.22
CA SER A 278 17.21 -3.27 1.62
C SER A 278 16.47 -1.94 1.50
N THR A 279 17.08 -0.86 2.00
CA THR A 279 16.51 0.47 1.85
C THR A 279 17.14 1.25 0.71
N LYS A 280 17.94 0.59 -0.13
CA LYS A 280 18.75 1.29 -1.12
C LYS A 280 17.90 2.04 -2.14
N GLN A 281 16.67 1.59 -2.39
CA GLN A 281 15.77 2.27 -3.31
C GLN A 281 14.68 3.05 -2.58
N GLY A 282 14.76 3.10 -1.25
CA GLY A 282 13.78 3.81 -0.44
C GLY A 282 12.53 3.03 -0.12
N PHE A 283 12.46 1.77 -0.53
CA PHE A 283 11.28 0.93 -0.33
C PHE A 283 11.56 -0.11 0.76
N TRP A 284 10.47 -0.75 1.18
CA TRP A 284 10.54 -1.95 2.02
C TRP A 284 10.80 -3.13 1.08
N GLU A 285 12.06 -3.24 0.66
CA GLU A 285 12.45 -4.20 -0.37
C GLU A 285 13.04 -5.43 0.28
N TRP A 286 12.60 -6.60 -0.15
CA TRP A 286 12.95 -7.86 0.49
C TRP A 286 13.03 -8.91 -0.60
N THR A 287 13.45 -10.12 -0.21
CA THR A 287 13.61 -11.21 -1.18
C THR A 287 12.78 -12.40 -0.72
N SER A 288 11.72 -12.70 -1.45
CA SER A 288 10.97 -13.92 -1.24
C SER A 288 11.78 -15.12 -1.67
N THR A 289 11.57 -16.23 -0.98
CA THR A 289 12.33 -17.44 -1.23
C THR A 289 11.69 -18.37 -2.25
N GLY A 290 10.52 -18.06 -2.78
CA GLY A 290 9.98 -18.85 -3.87
C GLY A 290 8.46 -18.82 -3.89
N TYR A 291 7.88 -19.75 -4.63
CA TYR A 291 6.44 -19.76 -4.80
C TYR A 291 5.93 -21.15 -5.14
N ALA A 292 4.62 -21.32 -4.93
CA ALA A 292 3.91 -22.48 -5.44
C ALA A 292 2.58 -22.02 -6.01
N VAL A 293 2.07 -22.79 -6.95
CA VAL A 293 0.76 -22.56 -7.57
C VAL A 293 -0.16 -23.67 -7.09
N GLY A 294 -1.25 -23.29 -6.45
CA GLY A 294 -2.22 -24.26 -5.97
C GLY A 294 -1.53 -25.28 -5.08
N SER A 295 -1.84 -26.56 -5.31
CA SER A 295 -1.27 -27.66 -4.55
CA SER A 295 -1.27 -27.65 -4.55
C SER A 295 0.06 -28.13 -5.14
N GLY A 296 0.65 -27.36 -6.07
CA GLY A 296 1.87 -27.76 -6.72
C GLY A 296 3.09 -27.65 -5.82
N THR A 297 4.20 -28.17 -6.33
CA THR A 297 5.44 -28.17 -5.56
C THR A 297 5.98 -26.75 -5.45
N PHE A 298 6.62 -26.48 -4.33
CA PHE A 298 7.22 -25.18 -4.10
C PHE A 298 8.50 -25.06 -4.91
N LYS A 299 8.61 -23.97 -5.66
CA LYS A 299 9.79 -23.63 -6.44
C LYS A 299 10.65 -22.68 -5.62
N SER A 300 11.84 -23.12 -5.23
CA SER A 300 12.78 -22.28 -4.51
C SER A 300 13.50 -21.38 -5.50
N THR A 301 13.30 -20.07 -5.36
CA THR A 301 13.90 -19.11 -6.26
C THR A 301 13.77 -17.74 -5.58
N SER A 302 14.79 -16.93 -5.71
CA SER A 302 14.79 -15.63 -5.06
C SER A 302 14.01 -14.63 -5.88
N ILE A 303 13.05 -13.96 -5.26
CA ILE A 303 12.23 -12.94 -5.92
C ILE A 303 12.33 -11.66 -5.11
N ASP A 304 13.11 -10.71 -5.61
CA ASP A 304 13.26 -9.41 -4.95
CA ASP A 304 13.26 -9.42 -4.95
C ASP A 304 12.05 -8.56 -5.27
N GLY A 305 11.46 -7.95 -4.24
CA GLY A 305 10.34 -7.07 -4.52
C GLY A 305 10.07 -6.19 -3.32
N ILE A 306 9.01 -5.39 -3.43
CA ILE A 306 8.69 -4.42 -2.38
C ILE A 306 7.34 -4.75 -1.77
N ALA A 307 7.22 -4.51 -0.46
CA ALA A 307 5.94 -4.63 0.23
C ALA A 307 5.24 -3.28 0.10
N ASP A 308 4.15 -3.24 -0.68
CA ASP A 308 3.54 -1.97 -1.08
C ASP A 308 2.03 -1.98 -0.86
N THR A 309 1.60 -1.39 0.26
CA THR A 309 0.17 -1.37 0.58
C THR A 309 -0.60 -0.47 -0.38
N GLY A 310 0.08 0.42 -1.09
CA GLY A 310 -0.57 1.32 -2.02
C GLY A 310 -0.73 0.78 -3.41
N THR A 311 -0.35 -0.47 -3.67
CA THR A 311 -0.57 -1.11 -4.95
C THR A 311 -1.58 -2.22 -4.73
N THR A 312 -2.57 -2.32 -5.63
CA THR A 312 -3.66 -3.27 -5.43
C THR A 312 -3.20 -4.71 -5.63
N LEU A 313 -2.47 -4.96 -6.73
CA LEU A 313 -2.23 -6.31 -7.21
C LEU A 313 -0.83 -6.82 -6.84
N LEU A 314 -0.60 -8.07 -7.19
CA LEU A 314 0.69 -8.74 -7.01
C LEU A 314 1.38 -8.81 -8.35
N TYR A 315 2.53 -8.12 -8.48
CA TYR A 315 3.28 -8.05 -9.73
C TYR A 315 4.58 -8.83 -9.58
N LEU A 316 4.73 -9.87 -10.39
CA LEU A 316 5.82 -10.82 -10.28
C LEU A 316 6.44 -11.09 -11.64
N PRO A 317 7.61 -11.74 -11.69
CA PRO A 317 8.24 -11.99 -12.98
C PRO A 317 7.34 -12.79 -13.91
N ALA A 318 7.52 -12.54 -15.21
CA ALA A 318 6.66 -13.15 -16.23
C ALA A 318 6.66 -14.67 -16.15
N THR A 319 7.79 -15.28 -15.81
CA THR A 319 7.85 -16.73 -15.69
C THR A 319 6.88 -17.24 -14.62
N VAL A 320 6.87 -16.56 -13.47
CA VAL A 320 6.04 -16.96 -12.33
C VAL A 320 4.57 -16.77 -12.67
N VAL A 321 4.26 -15.62 -13.27
CA VAL A 321 2.88 -15.29 -13.60
C VAL A 321 2.33 -16.25 -14.66
N SER A 322 3.16 -16.57 -15.67
CA SER A 322 2.75 -17.55 -16.67
C SER A 322 2.45 -18.90 -16.04
N ALA A 323 3.28 -19.33 -15.10
CA ALA A 323 3.06 -20.61 -14.44
C ALA A 323 1.75 -20.60 -13.66
N TYR A 324 1.42 -19.47 -13.02
CA TYR A 324 0.16 -19.38 -12.30
C TYR A 324 -1.03 -19.51 -13.27
N TRP A 325 -1.08 -18.66 -14.29
CA TRP A 325 -2.27 -18.60 -15.14
C TRP A 325 -2.40 -19.81 -16.03
N ALA A 326 -1.32 -20.55 -16.25
CA ALA A 326 -1.40 -21.80 -16.98
C ALA A 326 -2.29 -22.82 -16.29
N GLN A 327 -2.53 -22.67 -14.98
CA GLN A 327 -3.38 -23.56 -14.23
C GLN A 327 -4.83 -23.13 -14.22
N VAL A 328 -5.18 -22.11 -14.99
CA VAL A 328 -6.56 -21.62 -15.08
C VAL A 328 -7.02 -21.77 -16.52
N SER A 329 -7.98 -22.67 -16.76
CA SER A 329 -8.42 -22.93 -18.12
CA SER A 329 -8.45 -22.95 -18.11
C SER A 329 -9.03 -21.69 -18.74
N GLY A 330 -8.57 -21.36 -19.93
CA GLY A 330 -9.08 -20.21 -20.67
C GLY A 330 -8.35 -18.92 -20.32
N ALA A 331 -7.44 -18.90 -19.35
CA ALA A 331 -6.74 -17.66 -18.99
C ALA A 331 -5.86 -17.25 -20.17
N LYS A 332 -5.70 -15.95 -20.39
CA LYS A 332 -4.81 -15.44 -21.44
C LYS A 332 -4.34 -14.04 -21.05
N SER A 333 -3.12 -13.67 -21.47
CA SER A 333 -2.69 -12.29 -21.38
C SER A 333 -3.28 -11.52 -22.56
N SER A 334 -3.98 -10.45 -22.26
CA SER A 334 -4.61 -9.60 -23.25
C SER A 334 -3.90 -8.26 -23.30
N SER A 335 -3.23 -7.97 -24.41
CA SER A 335 -2.60 -6.67 -24.58
CA SER A 335 -2.60 -6.67 -24.60
C SER A 335 -3.64 -5.55 -24.58
N SER A 336 -4.83 -5.82 -25.11
CA SER A 336 -5.84 -4.76 -25.20
C SER A 336 -6.42 -4.44 -23.82
N VAL A 337 -6.58 -5.43 -22.97
CA VAL A 337 -7.08 -5.17 -21.62
C VAL A 337 -5.97 -4.67 -20.71
N GLY A 338 -4.74 -5.14 -20.90
CA GLY A 338 -3.63 -4.74 -20.09
C GLY A 338 -3.16 -5.74 -19.08
N GLY A 339 -3.35 -7.03 -19.34
CA GLY A 339 -2.85 -8.05 -18.45
C GLY A 339 -3.62 -9.34 -18.63
N TYR A 340 -3.37 -10.24 -17.69
CA TYR A 340 -4.04 -11.53 -17.67
C TYR A 340 -5.50 -11.39 -17.29
N VAL A 341 -6.34 -12.08 -18.07
CA VAL A 341 -7.81 -12.12 -17.97
C VAL A 341 -8.23 -13.60 -18.02
N PHE A 342 -9.33 -13.94 -17.40
CA PHE A 342 -9.78 -15.34 -17.36
C PHE A 342 -11.32 -15.40 -17.41
N PRO A 343 -11.91 -16.59 -17.73
CA PRO A 343 -13.34 -16.70 -17.72
C PRO A 343 -13.86 -16.57 -16.28
N CYS A 344 -14.80 -15.68 -15.99
CA CYS A 344 -15.36 -15.46 -14.66
C CYS A 344 -15.91 -16.74 -14.05
N SER A 345 -16.23 -17.75 -14.87
CA SER A 345 -16.70 -19.04 -14.36
C SER A 345 -15.58 -19.90 -13.74
N ALA A 346 -14.33 -19.49 -13.83
CA ALA A 346 -13.24 -20.31 -13.30
C ALA A 346 -13.18 -20.25 -11.79
N THR A 347 -12.67 -21.33 -11.19
CA THR A 347 -12.22 -21.35 -9.80
C THR A 347 -10.70 -21.20 -9.82
N LEU A 348 -10.19 -20.18 -9.13
CA LEU A 348 -8.76 -19.88 -9.19
C LEU A 348 -7.99 -20.69 -8.16
N PRO A 349 -6.80 -21.16 -8.51
CA PRO A 349 -5.93 -21.78 -7.52
C PRO A 349 -5.31 -20.74 -6.59
N SER A 350 -4.89 -21.22 -5.42
CA SER A 350 -4.14 -20.37 -4.52
C SER A 350 -2.74 -20.11 -5.08
N PHE A 351 -2.06 -19.15 -4.46
CA PHE A 351 -0.69 -18.83 -4.78
C PHE A 351 0.06 -18.68 -3.47
N THR A 352 1.17 -19.42 -3.33
CA THR A 352 1.97 -19.38 -2.11
C THR A 352 3.27 -18.65 -2.41
N PHE A 353 3.67 -17.76 -1.51
CA PHE A 353 5.00 -17.17 -1.59
C PHE A 353 5.82 -17.48 -0.33
N GLY A 354 7.13 -17.58 -0.51
CA GLY A 354 8.03 -17.90 0.59
C GLY A 354 8.55 -16.68 1.32
N VAL A 355 8.63 -16.80 2.63
CA VAL A 355 9.26 -15.80 3.48
C VAL A 355 10.23 -16.62 4.32
N GLY A 356 11.51 -16.57 3.97
CA GLY A 356 12.43 -17.51 4.58
C GLY A 356 11.91 -18.93 4.39
N SER A 357 11.93 -19.72 5.45
CA SER A 357 11.40 -21.07 5.38
CA SER A 357 11.40 -21.07 5.41
C SER A 357 9.89 -21.13 5.56
N ALA A 358 9.23 -19.99 5.81
CA ALA A 358 7.80 -19.94 6.00
C ALA A 358 7.09 -19.71 4.67
N ARG A 359 5.77 -19.93 4.69
CA ARG A 359 4.96 -19.86 3.49
C ARG A 359 3.70 -19.07 3.79
N ILE A 360 3.37 -18.13 2.91
CA ILE A 360 2.11 -17.39 2.98
C ILE A 360 1.24 -17.81 1.81
N VAL A 361 0.02 -18.25 2.09
CA VAL A 361 -0.89 -18.74 1.07
C VAL A 361 -1.93 -17.68 0.77
N ILE A 362 -1.98 -17.26 -0.49
CA ILE A 362 -3.00 -16.36 -0.99
C ILE A 362 -4.14 -17.22 -1.54
N PRO A 363 -5.32 -17.23 -0.94
CA PRO A 363 -6.42 -18.02 -1.51
C PRO A 363 -6.76 -17.55 -2.91
N GLY A 364 -7.22 -18.51 -3.74
CA GLY A 364 -7.60 -18.18 -5.10
C GLY A 364 -8.59 -17.03 -5.20
N ASP A 365 -9.56 -16.98 -4.30
N ASP A 365 -9.54 -16.97 -4.27
CA ASP A 365 -10.56 -15.93 -4.41
CA ASP A 365 -10.56 -15.94 -4.31
C ASP A 365 -9.93 -14.53 -4.30
C ASP A 365 -9.96 -14.54 -4.26
N TYR A 366 -8.80 -14.40 -3.61
CA TYR A 366 -8.15 -13.09 -3.47
C TYR A 366 -7.62 -12.60 -4.81
N ILE A 367 -7.47 -13.49 -5.79
CA ILE A 367 -6.85 -13.19 -7.07
C ILE A 367 -7.90 -12.80 -8.12
N ASP A 368 -9.17 -12.83 -7.76
CA ASP A 368 -10.26 -12.48 -8.66
C ASP A 368 -10.58 -10.99 -8.49
N PHE A 369 -10.35 -10.21 -9.55
CA PHE A 369 -10.70 -8.80 -9.54
C PHE A 369 -11.90 -8.47 -10.43
N GLY A 370 -12.68 -9.49 -10.75
CA GLY A 370 -13.99 -9.29 -11.30
C GLY A 370 -14.00 -8.90 -12.76
N PRO A 371 -15.20 -8.68 -13.29
CA PRO A 371 -15.35 -8.40 -14.72
C PRO A 371 -14.53 -7.21 -15.17
N ILE A 372 -13.97 -7.31 -16.38
CA ILE A 372 -13.14 -6.23 -16.89
C ILE A 372 -13.97 -4.98 -17.14
N SER A 373 -15.24 -5.16 -17.43
CA SER A 373 -16.22 -4.10 -17.60
C SER A 373 -17.55 -4.68 -17.13
N THR A 374 -18.49 -3.81 -16.76
CA THR A 374 -19.73 -4.29 -16.19
C THR A 374 -20.41 -5.27 -17.13
N GLY A 375 -20.79 -6.43 -16.59
CA GLY A 375 -21.50 -7.43 -17.35
C GLY A 375 -20.63 -8.38 -18.15
N SER A 376 -19.33 -8.12 -18.22
CA SER A 376 -18.44 -9.00 -18.95
C SER A 376 -18.26 -10.33 -18.23
N SER A 377 -18.05 -11.39 -19.00
CA SER A 377 -17.67 -12.68 -18.44
C SER A 377 -16.18 -12.90 -18.46
N SER A 378 -15.42 -11.90 -18.92
CA SER A 378 -13.93 -11.88 -18.80
CA SER A 378 -13.93 -11.88 -18.81
C SER A 378 -13.50 -11.12 -17.49
N CYS A 379 -12.79 -11.81 -16.63
CA CYS A 379 -12.44 -11.26 -15.30
C CYS A 379 -10.97 -10.90 -15.29
N PHE A 380 -10.59 -9.92 -14.48
CA PHE A 380 -9.22 -9.45 -14.42
C PHE A 380 -8.45 -10.15 -13.31
N GLY A 381 -7.24 -10.59 -13.62
CA GLY A 381 -6.46 -11.32 -12.64
C GLY A 381 -5.74 -10.43 -11.65
N GLY A 382 -5.56 -10.97 -10.44
CA GLY A 382 -4.88 -10.22 -9.40
C GLY A 382 -3.39 -10.47 -9.29
N ILE A 383 -2.87 -11.38 -10.10
CA ILE A 383 -1.44 -11.62 -10.27
C ILE A 383 -1.12 -11.22 -11.69
N GLN A 384 -0.16 -10.32 -11.85
CA GLN A 384 0.19 -9.74 -13.14
C GLN A 384 1.70 -9.66 -13.26
N SER A 385 2.16 -9.57 -14.50
CA SER A 385 3.58 -9.48 -14.75
C SER A 385 4.15 -8.12 -14.36
N SER A 386 5.32 -8.16 -13.74
CA SER A 386 6.09 -6.95 -13.45
C SER A 386 7.02 -6.56 -14.57
N ALA A 387 7.01 -7.28 -15.70
N ALA A 387 7.03 -7.29 -15.69
CA ALA A 387 7.87 -6.90 -16.82
CA ALA A 387 8.10 -7.11 -16.68
C ALA A 387 7.48 -5.53 -17.34
C ALA A 387 8.20 -5.67 -17.15
N GLY A 388 8.47 -4.64 -17.47
N GLY A 388 7.08 -4.95 -17.25
CA GLY A 388 8.23 -3.28 -17.87
CA GLY A 388 7.10 -3.56 -17.67
C GLY A 388 8.00 -2.32 -16.72
C GLY A 388 7.24 -2.54 -16.57
N ILE A 389 7.65 -2.83 -15.54
N ILE A 389 7.41 -2.98 -15.32
CA ILE A 389 7.55 -2.01 -14.34
CA ILE A 389 7.50 -2.09 -14.17
C ILE A 389 8.90 -1.86 -13.65
C ILE A 389 8.95 -1.80 -13.81
N GLY A 390 9.81 -2.82 -13.83
CA GLY A 390 11.16 -2.70 -13.33
C GLY A 390 11.37 -3.19 -11.92
N ILE A 391 10.31 -3.57 -11.22
CA ILE A 391 10.44 -4.09 -9.86
C ILE A 391 9.23 -5.00 -9.61
N ASN A 392 9.43 -6.02 -8.80
CA ASN A 392 8.32 -6.84 -8.36
C ASN A 392 7.64 -6.18 -7.19
N ILE A 393 6.31 -6.31 -7.12
CA ILE A 393 5.53 -5.58 -6.12
C ILE A 393 4.60 -6.54 -5.43
N PHE A 394 4.83 -6.74 -4.13
CA PHE A 394 3.92 -7.46 -3.25
C PHE A 394 2.89 -6.45 -2.75
N GLY A 395 1.86 -6.25 -3.57
CA GLY A 395 0.78 -5.35 -3.25
C GLY A 395 -0.29 -6.02 -2.40
N ASP A 396 -1.45 -5.37 -2.35
CA ASP A 396 -2.49 -5.76 -1.40
C ASP A 396 -2.91 -7.22 -1.55
N VAL A 397 -2.98 -7.74 -2.78
CA VAL A 397 -3.32 -9.14 -3.00
C VAL A 397 -2.48 -10.06 -2.13
N ALA A 398 -1.18 -9.81 -2.07
CA ALA A 398 -0.28 -10.59 -1.24
C ALA A 398 -0.38 -10.20 0.22
N LEU A 399 -0.30 -8.90 0.50
CA LEU A 399 -0.19 -8.46 1.90
C LEU A 399 -1.44 -8.80 2.70
N LYS A 400 -2.62 -8.77 2.07
CA LYS A 400 -3.85 -9.04 2.82
CA LYS A 400 -3.82 -9.02 2.86
C LYS A 400 -3.96 -10.49 3.27
N ALA A 401 -3.14 -11.38 2.71
CA ALA A 401 -3.07 -12.76 3.17
C ALA A 401 -2.20 -12.92 4.40
N ALA A 402 -1.60 -11.84 4.90
CA ALA A 402 -0.65 -11.92 6.00
C ALA A 402 -0.89 -10.83 7.02
N PHE A 403 -0.32 -11.04 8.20
CA PHE A 403 -0.07 -9.99 9.16
C PHE A 403 1.38 -9.55 8.91
N VAL A 404 1.58 -8.27 8.60
CA VAL A 404 2.87 -7.80 8.11
C VAL A 404 3.43 -6.77 9.07
N VAL A 405 4.65 -7.03 9.54
CA VAL A 405 5.38 -6.14 10.44
C VAL A 405 6.41 -5.36 9.66
N PHE A 406 6.30 -4.03 9.73
CA PHE A 406 7.29 -3.12 9.15
C PHE A 406 8.15 -2.65 10.32
N ASN A 407 9.32 -3.27 10.47
CA ASN A 407 10.20 -3.01 11.61
C ASN A 407 11.20 -1.93 11.22
N GLY A 408 11.01 -0.74 11.77
CA GLY A 408 11.84 0.41 11.48
C GLY A 408 12.95 0.65 12.48
N ALA A 409 13.48 -0.43 13.05
CA ALA A 409 14.69 -0.35 13.85
C ALA A 409 15.86 0.13 12.99
N THR A 410 17.00 0.38 13.65
CA THR A 410 18.17 0.91 12.96
C THR A 410 18.49 0.11 11.70
N THR A 411 18.41 -1.22 11.79
CA THR A 411 18.45 -2.09 10.63
C THR A 411 17.04 -2.58 10.38
N PRO A 412 16.32 -2.04 9.41
CA PRO A 412 14.92 -2.46 9.25
C PRO A 412 14.80 -3.89 8.75
N THR A 413 13.67 -4.50 9.12
CA THR A 413 13.31 -5.83 8.65
C THR A 413 11.80 -5.85 8.40
N LEU A 414 11.36 -6.87 7.67
N LEU A 414 11.34 -6.96 7.83
CA LEU A 414 9.94 -7.14 7.49
CA LEU A 414 9.95 -7.15 7.45
C LEU A 414 9.61 -8.47 8.17
C LEU A 414 9.51 -8.51 7.96
N GLY A 415 8.40 -8.55 8.72
CA GLY A 415 7.89 -9.80 9.27
C GLY A 415 6.57 -10.17 8.62
N PHE A 416 6.39 -11.45 8.37
CA PHE A 416 5.12 -11.97 7.84
C PHE A 416 4.65 -13.12 8.71
N ALA A 417 3.36 -13.10 9.07
CA ALA A 417 2.69 -14.23 9.69
C ALA A 417 1.41 -14.53 8.94
N SER A 418 1.01 -15.79 8.97
CA SER A 418 -0.34 -16.17 8.56
C SER A 418 -1.34 -15.64 9.58
N LYS A 419 -2.61 -15.62 9.17
CA LYS A 419 -3.64 -15.11 10.08
C LYS A 419 -4.99 -15.73 9.79
C4 R9M B . -13.16 -16.38 -24.22
C5 R9M B . -12.23 -15.54 -25.08
O1 R9M B . -12.23 -14.30 -24.91
O R9M B . -11.53 -16.14 -25.93
C3 R9M B . -13.64 -15.67 -22.96
C2 R9M B . -12.52 -15.29 -22.05
S R9M B . -11.09 -16.23 -21.98
C1 R9M B . -10.44 -15.14 -20.88
N R9M B . -12.49 -14.24 -21.29
C R9M B . -11.29 -14.16 -20.64
#